data_8PI2
#
_entry.id   8PI2
#
_cell.length_a   114.566
_cell.length_b   38.994
_cell.length_c   89.247
_cell.angle_alpha   90.000
_cell.angle_beta   103.880
_cell.angle_gamma   90.000
#
_symmetry.space_group_name_H-M   'C 1 2 1'
#
loop_
_entity.id
_entity.type
_entity.pdbx_description
1 polymer Alpha-1-antitrypsin
2 non-polymer GLYCINE
3 non-polymer 1,2-ETHANEDIOL
4 non-polymer 'DIMETHYL SULFOXIDE'
5 water water
#
_entity_poly.entity_id   1
_entity_poly.type   'polypeptide(L)'
_entity_poly.pdbx_seq_one_letter_code
;MRGSHHHHHHTDPQGDAAQKTDTSHHDQDHPTFNKITPNLAEFAFSLYRQLAHQSNSTNIFFSPVSIATAFAMLSLGTKA
DTHDEILEGLNFNLTEIPEAQIHEGFQELLRTLNQPDSQLQLTTGNGLFLSEGLKLVDKFLEDVKKLYHSEAFTVNFGDT
EEAKKQINDYVEKGTQGKIVDLVKELDRDTVFALVNYIFFKGKWERPFEVKDTEEEDFHVDQVTTVKVPMMKRLGMFNIQ
HSKKLSSWVLLMKYLGNATAIFFLPDEGKLQHLENELTHDIITKFLENEDRRSASLHLPKLSITGTYDLKSVLGQLGITK
VFSNGADLSGVTEEAPLKLSKAVHKAVLTIDEKGTEAAGAMFLEAIPMSIPPEVKFNKPFVFLMIEQNTKSPLFMGKVVN
PTQK
;
_entity_poly.pdbx_strand_id   A
#
# COMPACT_ATOMS: atom_id res chain seq x y z
N ASN A 34 16.49 -5.61 -8.50
CA ASN A 34 15.38 -5.83 -7.58
C ASN A 34 15.88 -6.47 -6.29
N LYS A 35 16.99 -5.95 -5.77
CA LYS A 35 17.63 -6.59 -4.64
C LYS A 35 16.81 -6.45 -3.36
N ILE A 36 16.03 -5.38 -3.20
CA ILE A 36 15.30 -5.17 -1.96
C ILE A 36 13.88 -5.72 -1.99
N THR A 37 13.44 -6.26 -3.12
CA THR A 37 12.06 -6.74 -3.21
C THR A 37 11.74 -7.83 -2.20
N PRO A 38 12.60 -8.84 -1.98
CA PRO A 38 12.28 -9.83 -0.93
C PRO A 38 12.08 -9.18 0.44
N ASN A 39 12.89 -8.16 0.77
CA ASN A 39 12.72 -7.51 2.05
C ASN A 39 11.41 -6.73 2.12
N LEU A 40 11.08 -6.02 1.04
CA LEU A 40 9.81 -5.29 1.02
C LEU A 40 8.64 -6.26 1.16
N ALA A 41 8.74 -7.44 0.53
CA ALA A 41 7.66 -8.42 0.63
C ALA A 41 7.51 -8.91 2.07
N GLU A 42 8.63 -9.19 2.74
CA GLU A 42 8.55 -9.63 4.13
C GLU A 42 8.02 -8.53 5.04
N PHE A 43 8.40 -7.28 4.75
CA PHE A 43 7.85 -6.15 5.49
C PHE A 43 6.35 -6.04 5.28
N ALA A 44 5.90 -6.19 4.04
CA ALA A 44 4.48 -6.19 3.75
C ALA A 44 3.74 -7.23 4.58
N PHE A 45 4.26 -8.46 4.62
CA PHE A 45 3.59 -9.52 5.36
C PHE A 45 3.68 -9.29 6.87
N SER A 46 4.81 -8.76 7.35
CA SER A 46 4.92 -8.47 8.78
C SER A 46 3.90 -7.41 9.20
N LEU A 47 3.80 -6.34 8.41
CA LEU A 47 2.86 -5.28 8.71
C LEU A 47 1.43 -5.79 8.58
N TYR A 48 1.14 -6.57 7.54
CA TYR A 48 -0.21 -7.10 7.37
C TYR A 48 -0.60 -7.99 8.56
N ARG A 49 0.30 -8.88 8.96
CA ARG A 49 -0.04 -9.80 10.05
C ARG A 49 -0.23 -9.05 11.36
N GLN A 50 0.52 -7.98 11.58
CA GLN A 50 0.29 -7.16 12.75
CA GLN A 50 0.30 -7.15 12.76
C GLN A 50 -1.10 -6.54 12.73
N LEU A 51 -1.48 -5.93 11.60
CA LEU A 51 -2.78 -5.28 11.54
C LEU A 51 -3.92 -6.29 11.61
N ALA A 52 -3.73 -7.46 11.02
CA ALA A 52 -4.80 -8.46 10.98
C ALA A 52 -5.06 -9.05 12.37
N HIS A 53 -4.00 -9.33 13.14
CA HIS A 53 -4.20 -9.83 14.49
C HIS A 53 -4.73 -8.76 15.42
N GLN A 54 -4.47 -7.48 15.10
CA GLN A 54 -4.97 -6.38 15.91
C GLN A 54 -6.48 -6.27 15.82
N SER A 55 -7.01 -6.08 14.60
CA SER A 55 -8.44 -6.02 14.36
C SER A 55 -8.75 -6.91 13.17
N ASN A 56 -9.58 -7.93 13.40
CA ASN A 56 -9.95 -8.88 12.36
C ASN A 56 -11.36 -8.67 11.83
N SER A 57 -11.92 -7.47 12.03
CA SER A 57 -13.29 -7.17 11.63
C SER A 57 -13.39 -5.85 10.86
N THR A 58 -12.29 -5.37 10.30
CA THR A 58 -12.25 -4.12 9.57
C THR A 58 -11.49 -4.35 8.27
N ASN A 59 -11.83 -3.57 7.24
CA ASN A 59 -11.06 -3.62 6.01
C ASN A 59 -9.67 -3.04 6.27
N ILE A 60 -8.65 -3.65 5.65
CA ILE A 60 -7.26 -3.23 5.78
C ILE A 60 -6.75 -2.81 4.41
N PHE A 61 -6.05 -1.68 4.36
CA PHE A 61 -5.43 -1.26 3.10
C PHE A 61 -4.25 -0.38 3.45
N PHE A 62 -3.06 -0.75 3.00
CA PHE A 62 -1.88 0.07 3.26
C PHE A 62 -0.88 -0.14 2.12
N SER A 63 0.11 0.76 2.06
CA SER A 63 1.17 0.63 1.06
C SER A 63 2.49 0.25 1.74
N PRO A 64 2.94 -0.99 1.63
CA PRO A 64 4.27 -1.32 2.16
C PRO A 64 5.36 -0.44 1.58
N VAL A 65 5.31 -0.19 0.27
CA VAL A 65 6.37 0.56 -0.40
C VAL A 65 6.42 2.00 0.09
N SER A 66 5.27 2.67 0.22
N SER A 66 5.27 2.65 0.20
CA SER A 66 5.31 4.08 0.60
CA SER A 66 5.22 4.05 0.62
C SER A 66 5.77 4.25 2.05
C SER A 66 5.80 4.20 2.02
N ILE A 67 5.36 3.34 2.94
CA ILE A 67 5.84 3.40 4.32
C ILE A 67 7.34 3.10 4.38
N ALA A 68 7.76 2.02 3.74
CA ALA A 68 9.18 1.65 3.80
C ALA A 68 10.05 2.73 3.21
N THR A 69 9.64 3.31 2.09
CA THR A 69 10.42 4.37 1.46
CA THR A 69 10.42 4.37 1.46
C THR A 69 10.57 5.56 2.39
N ALA A 70 9.48 5.96 3.04
CA ALA A 70 9.54 7.11 3.94
C ALA A 70 10.52 6.86 5.08
N PHE A 71 10.54 5.64 5.61
CA PHE A 71 11.39 5.36 6.77
C PHE A 71 12.82 5.06 6.37
N ALA A 72 13.04 4.51 5.19
CA ALA A 72 14.41 4.43 4.69
C ALA A 72 14.99 5.82 4.49
N MET A 73 14.19 6.73 3.95
CA MET A 73 14.64 8.11 3.79
C MET A 73 14.96 8.73 5.14
N LEU A 74 14.04 8.61 6.09
CA LEU A 74 14.25 9.16 7.42
C LEU A 74 15.54 8.60 8.03
N SER A 75 15.84 7.33 7.76
CA SER A 75 17.02 6.74 8.38
C SER A 75 18.29 7.51 8.02
N LEU A 76 18.31 8.19 6.86
CA LEU A 76 19.48 8.97 6.48
C LEU A 76 19.77 10.10 7.45
N GLY A 77 18.81 10.47 8.29
CA GLY A 77 19.02 11.48 9.30
C GLY A 77 19.31 10.94 10.67
N THR A 78 19.39 9.62 10.83
CA THR A 78 19.60 8.97 12.11
C THR A 78 20.96 8.28 12.13
N LYS A 79 21.37 7.88 13.33
CA LYS A 79 22.64 7.20 13.52
C LYS A 79 22.48 6.10 14.58
N ALA A 80 23.44 5.18 14.57
CA ALA A 80 23.62 4.20 15.65
C ALA A 80 22.36 3.36 15.82
N ASP A 81 21.94 3.08 17.07
CA ASP A 81 20.85 2.14 17.28
C ASP A 81 19.55 2.65 16.68
N THR A 82 19.30 3.96 16.75
CA THR A 82 18.10 4.52 16.15
C THR A 82 18.02 4.15 14.66
N HIS A 83 19.14 4.31 13.97
CA HIS A 83 19.20 3.99 12.54
C HIS A 83 19.00 2.50 12.30
N ASP A 84 19.75 1.66 13.03
CA ASP A 84 19.68 0.21 12.80
C ASP A 84 18.27 -0.31 13.07
N GLU A 85 17.63 0.15 14.14
CA GLU A 85 16.27 -0.28 14.44
C GLU A 85 15.33 -0.04 13.25
N ILE A 86 15.47 1.10 12.58
CA ILE A 86 14.58 1.41 11.48
C ILE A 86 14.76 0.42 10.34
N LEU A 87 16.00 0.22 9.89
CA LEU A 87 16.22 -0.65 8.74
C LEU A 87 15.91 -2.10 9.09
N GLU A 88 16.22 -2.52 10.32
CA GLU A 88 15.84 -3.86 10.76
C GLU A 88 14.33 -3.99 10.88
N GLY A 89 13.64 -2.92 11.26
CA GLY A 89 12.18 -2.94 11.29
C GLY A 89 11.55 -3.02 9.92
N LEU A 90 12.29 -2.65 8.87
CA LEU A 90 11.83 -2.82 7.50
C LEU A 90 12.28 -4.14 6.89
N ASN A 91 12.77 -5.06 7.72
CA ASN A 91 13.11 -6.43 7.33
C ASN A 91 14.41 -6.49 6.54
N PHE A 92 15.34 -5.57 6.79
CA PHE A 92 16.68 -5.64 6.26
C PHE A 92 17.60 -6.21 7.32
N ASN A 93 18.32 -7.28 6.98
CA ASN A 93 19.34 -7.86 7.84
C ASN A 93 20.64 -7.15 7.51
N LEU A 94 21.04 -6.22 8.38
CA LEU A 94 22.19 -5.37 8.12
C LEU A 94 23.53 -6.11 8.22
N THR A 95 23.53 -7.36 8.68
CA THR A 95 24.74 -8.15 8.58
C THR A 95 24.91 -8.75 7.19
N GLU A 96 23.89 -8.64 6.33
CA GLU A 96 23.91 -9.29 5.03
C GLU A 96 23.81 -8.34 3.85
N ILE A 97 23.10 -7.23 3.96
CA ILE A 97 22.87 -6.33 2.84
C ILE A 97 23.52 -4.98 3.14
N PRO A 98 24.44 -4.50 2.31
CA PRO A 98 25.04 -3.19 2.57
C PRO A 98 24.02 -2.08 2.44
N GLU A 99 24.18 -1.05 3.28
CA GLU A 99 23.24 0.06 3.27
C GLU A 99 23.14 0.70 1.89
N ALA A 100 24.25 0.77 1.16
CA ALA A 100 24.22 1.40 -0.16
C ALA A 100 23.22 0.70 -1.08
N GLN A 101 23.15 -0.63 -1.01
CA GLN A 101 22.22 -1.36 -1.85
C GLN A 101 20.79 -1.11 -1.42
N ILE A 102 20.55 -0.88 -0.13
CA ILE A 102 19.21 -0.56 0.34
C ILE A 102 18.73 0.73 -0.30
N HIS A 103 19.52 1.80 -0.20
CA HIS A 103 19.08 3.09 -0.71
C HIS A 103 19.03 3.09 -2.24
N GLU A 104 19.97 2.42 -2.89
CA GLU A 104 19.89 2.28 -4.35
C GLU A 104 18.63 1.55 -4.77
N GLY A 105 18.23 0.54 -4.01
CA GLY A 105 16.99 -0.16 -4.31
C GLY A 105 15.78 0.74 -4.20
N PHE A 106 15.71 1.55 -3.15
CA PHE A 106 14.57 2.44 -3.00
C PHE A 106 14.56 3.51 -4.08
N GLN A 107 15.73 4.02 -4.46
CA GLN A 107 15.78 5.04 -5.50
C GLN A 107 15.40 4.47 -6.86
N GLU A 108 15.84 3.25 -7.17
CA GLU A 108 15.42 2.63 -8.42
C GLU A 108 13.91 2.42 -8.45
N LEU A 109 13.32 2.04 -7.31
CA LEU A 109 11.87 1.86 -7.26
C LEU A 109 11.15 3.18 -7.49
N LEU A 110 11.63 4.25 -6.85
CA LEU A 110 11.04 5.56 -7.08
C LEU A 110 11.19 6.01 -8.52
N ARG A 111 12.26 5.57 -9.20
CA ARG A 111 12.45 5.91 -10.60
C ARG A 111 11.34 5.34 -11.47
N THR A 112 10.82 4.16 -11.12
CA THR A 112 9.78 3.54 -11.95
C THR A 112 8.40 4.09 -11.64
N LEU A 113 8.18 4.57 -10.41
CA LEU A 113 6.86 5.07 -10.04
CA LEU A 113 6.86 5.07 -10.04
C LEU A 113 6.66 6.52 -10.43
N ASN A 114 7.74 7.31 -10.48
CA ASN A 114 7.66 8.72 -10.84
C ASN A 114 7.88 8.96 -12.33
N GLN A 115 7.72 7.94 -13.16
CA GLN A 115 7.89 8.13 -14.59
C GLN A 115 6.85 9.12 -15.12
N PRO A 116 7.20 9.92 -16.12
CA PRO A 116 6.29 10.98 -16.57
C PRO A 116 5.04 10.48 -17.28
N ASP A 117 5.21 9.61 -18.28
CA ASP A 117 4.08 9.14 -19.06
C ASP A 117 3.39 7.93 -18.43
N SER A 118 3.36 7.91 -17.09
CA SER A 118 2.79 6.76 -16.39
C SER A 118 1.26 6.75 -16.51
N GLN A 119 0.72 5.63 -16.97
CA GLN A 119 -0.73 5.42 -16.95
C GLN A 119 -1.22 4.94 -15.60
N LEU A 120 -0.32 4.59 -14.69
CA LEU A 120 -0.69 4.24 -13.33
C LEU A 120 -1.14 5.51 -12.62
N GLN A 121 -2.43 5.60 -12.31
CA GLN A 121 -2.97 6.79 -11.65
C GLN A 121 -2.67 6.70 -10.16
N LEU A 122 -1.39 6.90 -9.84
CA LEU A 122 -0.87 6.79 -8.48
C LEU A 122 -0.42 8.17 -8.00
N THR A 123 -0.97 8.60 -6.88
N THR A 123 -1.00 8.64 -6.91
CA THR A 123 -0.65 9.89 -6.26
CA THR A 123 -0.62 9.89 -6.28
C THR A 123 -0.11 9.58 -4.87
C THR A 123 -0.11 9.59 -4.89
N THR A 124 1.15 9.91 -4.64
CA THR A 124 1.78 9.62 -3.36
C THR A 124 2.70 10.77 -2.97
N GLY A 125 2.87 10.92 -1.67
CA GLY A 125 3.76 11.95 -1.17
C GLY A 125 4.16 11.64 0.24
N ASN A 126 5.31 12.18 0.62
CA ASN A 126 5.74 12.17 2.00
C ASN A 126 6.13 13.59 2.38
N GLY A 127 5.62 14.04 3.51
CA GLY A 127 5.95 15.36 4.02
C GLY A 127 6.58 15.29 5.40
N LEU A 128 7.72 15.94 5.55
CA LEU A 128 8.38 16.12 6.83
C LEU A 128 8.12 17.54 7.30
N PHE A 129 7.66 17.69 8.54
CA PHE A 129 7.35 18.99 9.11
C PHE A 129 8.18 19.14 10.37
N LEU A 130 9.10 20.11 10.34
CA LEU A 130 10.10 20.30 11.38
C LEU A 130 9.93 21.68 11.99
N SER A 131 10.12 21.76 13.30
CA SER A 131 10.01 23.03 14.01
C SER A 131 10.93 24.07 13.40
N GLU A 132 10.38 25.28 13.18
CA GLU A 132 11.14 26.33 12.53
C GLU A 132 12.30 26.85 13.37
N GLY A 133 12.35 26.54 14.66
CA GLY A 133 13.46 26.96 15.48
C GLY A 133 14.69 26.08 15.43
N LEU A 134 14.64 24.99 14.68
CA LEU A 134 15.76 24.06 14.59
C LEU A 134 16.74 24.50 13.51
N LYS A 135 18.02 24.34 13.79
CA LYS A 135 19.06 24.51 12.78
C LYS A 135 19.21 23.18 12.06
N LEU A 136 18.76 23.12 10.81
CA LEU A 136 18.72 21.87 10.08
C LEU A 136 20.04 21.62 9.35
N VAL A 137 20.37 20.34 9.18
CA VAL A 137 21.56 19.94 8.45
C VAL A 137 21.25 19.92 6.96
N ASP A 138 22.05 20.64 6.18
CA ASP A 138 21.74 20.76 4.75
C ASP A 138 21.84 19.40 4.05
N LYS A 139 22.79 18.57 4.45
CA LYS A 139 22.94 17.25 3.82
C LYS A 139 21.64 16.47 3.85
N PHE A 140 20.94 16.48 4.99
CA PHE A 140 19.69 15.74 5.10
C PHE A 140 18.63 16.32 4.16
N LEU A 141 18.48 17.64 4.17
CA LEU A 141 17.47 18.25 3.31
C LEU A 141 17.76 17.96 1.85
N GLU A 142 19.05 17.95 1.48
CA GLU A 142 19.42 17.62 0.10
C GLU A 142 19.05 16.18 -0.23
N ASP A 143 19.34 15.25 0.67
CA ASP A 143 19.01 13.85 0.42
C ASP A 143 17.51 13.64 0.29
N VAL A 144 16.72 14.28 1.18
CA VAL A 144 15.26 14.16 1.10
C VAL A 144 14.76 14.61 -0.26
N LYS A 145 15.22 15.76 -0.73
CA LYS A 145 14.72 16.31 -1.99
C LYS A 145 15.38 15.64 -3.19
N LYS A 146 16.71 15.47 -3.14
CA LYS A 146 17.43 14.99 -4.31
C LYS A 146 17.31 13.48 -4.48
N LEU A 147 17.59 12.72 -3.41
CA LEU A 147 17.63 11.27 -3.53
C LEU A 147 16.24 10.64 -3.45
N TYR A 148 15.39 11.15 -2.56
CA TYR A 148 14.09 10.54 -2.31
C TYR A 148 12.93 11.37 -2.87
N HIS A 149 13.23 12.45 -3.59
CA HIS A 149 12.23 13.28 -4.25
C HIS A 149 11.02 13.51 -3.34
N SER A 150 11.31 13.95 -2.11
CA SER A 150 10.30 14.17 -1.09
C SER A 150 10.37 15.61 -0.61
N GLU A 151 9.47 15.96 0.31
CA GLU A 151 9.30 17.35 0.71
C GLU A 151 9.54 17.51 2.20
N ALA A 152 10.17 18.61 2.56
CA ALA A 152 10.42 18.97 3.95
C ALA A 152 10.03 20.42 4.14
N PHE A 153 9.37 20.70 5.27
CA PHE A 153 8.87 22.02 5.55
C PHE A 153 9.19 22.39 7.00
N THR A 154 9.35 23.68 7.23
CA THR A 154 9.43 24.21 8.59
C THR A 154 8.06 24.77 8.98
N VAL A 155 7.66 24.52 10.21
CA VAL A 155 6.37 24.96 10.73
CA VAL A 155 6.37 24.96 10.73
C VAL A 155 6.56 25.44 12.15
N ASN A 156 5.68 26.35 12.57
CA ASN A 156 5.66 26.84 13.94
C ASN A 156 4.76 25.92 14.74
N PHE A 157 5.37 24.91 15.39
CA PHE A 157 4.60 24.03 16.25
C PHE A 157 4.18 24.69 17.56
N GLY A 158 4.65 25.91 17.84
CA GLY A 158 4.10 26.65 18.96
C GLY A 158 2.63 26.97 18.80
N ASP A 159 2.11 26.92 17.57
CA ASP A 159 0.69 27.08 17.28
C ASP A 159 0.23 25.73 16.73
N THR A 160 -0.16 24.83 17.64
CA THR A 160 -0.46 23.46 17.22
C THR A 160 -1.64 23.41 16.25
N GLU A 161 -2.65 24.24 16.47
CA GLU A 161 -3.80 24.22 15.57
C GLU A 161 -3.42 24.68 14.18
N GLU A 162 -2.59 25.73 14.07
CA GLU A 162 -2.20 26.18 12.74
C GLU A 162 -1.25 25.19 12.08
N ALA A 163 -0.36 24.56 12.87
CA ALA A 163 0.52 23.54 12.31
C ALA A 163 -0.28 22.37 11.75
N LYS A 164 -1.29 21.91 12.48
CA LYS A 164 -2.15 20.83 12.00
C LYS A 164 -2.85 21.23 10.71
N LYS A 165 -3.36 22.46 10.64
CA LYS A 165 -3.98 22.93 9.41
C LYS A 165 -3.00 22.94 8.25
N GLN A 166 -1.77 23.42 8.49
CA GLN A 166 -0.76 23.42 7.43
C GLN A 166 -0.46 22.00 6.96
N ILE A 167 -0.32 21.06 7.90
CA ILE A 167 -0.06 19.67 7.51
C ILE A 167 -1.22 19.11 6.70
N ASN A 168 -2.45 19.35 7.17
CA ASN A 168 -3.60 18.79 6.49
C ASN A 168 -3.84 19.47 5.15
N ASP A 169 -3.57 20.77 5.05
CA ASP A 169 -3.71 21.44 3.75
C ASP A 169 -2.71 20.86 2.74
N TYR A 170 -1.49 20.54 3.18
CA TYR A 170 -0.49 19.97 2.30
C TYR A 170 -0.98 18.65 1.70
N VAL A 171 -1.56 17.78 2.53
CA VAL A 171 -2.07 16.50 2.03
C VAL A 171 -3.26 16.73 1.10
N GLU A 172 -4.17 17.63 1.49
CA GLU A 172 -5.36 17.88 0.66
C GLU A 172 -4.96 18.45 -0.70
N LYS A 173 -4.02 19.39 -0.74
CA LYS A 173 -3.53 19.88 -2.02
C LYS A 173 -2.86 18.76 -2.81
N GLY A 174 -2.04 17.94 -2.15
CA GLY A 174 -1.31 16.90 -2.85
C GLY A 174 -2.17 15.80 -3.41
N THR A 175 -3.40 15.65 -2.91
CA THR A 175 -4.33 14.65 -3.41
C THR A 175 -5.50 15.28 -4.14
N GLN A 176 -5.42 16.58 -4.46
CA GLN A 176 -6.51 17.30 -5.12
C GLN A 176 -7.84 17.06 -4.40
N GLY A 177 -7.79 17.07 -3.07
CA GLY A 177 -8.98 16.99 -2.25
C GLY A 177 -9.40 15.61 -1.79
N LYS A 178 -8.66 14.56 -2.15
CA LYS A 178 -9.13 13.20 -1.86
C LYS A 178 -8.93 12.82 -0.39
N ILE A 179 -7.86 13.27 0.24
CA ILE A 179 -7.62 12.99 1.66
C ILE A 179 -7.70 14.31 2.42
N VAL A 180 -8.68 14.42 3.32
CA VAL A 180 -8.89 15.63 4.11
C VAL A 180 -8.78 15.32 5.60
N ASP A 181 -8.33 16.30 6.36
N ASP A 181 -8.34 16.32 6.36
CA ASP A 181 -8.27 16.20 7.82
CA ASP A 181 -8.24 16.23 7.82
C ASP A 181 -7.44 15.00 8.28
C ASP A 181 -7.48 14.98 8.26
N LEU A 182 -6.37 14.70 7.55
CA LEU A 182 -5.58 13.51 7.87
C LEU A 182 -5.15 13.47 9.34
N VAL A 183 -4.52 14.55 9.81
CA VAL A 183 -4.03 14.62 11.19
C VAL A 183 -5.12 15.23 12.06
N LYS A 184 -5.62 14.44 13.00
CA LYS A 184 -6.69 14.90 13.88
C LYS A 184 -6.17 15.58 15.15
N GLU A 185 -4.98 15.22 15.61
CA GLU A 185 -4.45 15.75 16.85
C GLU A 185 -2.92 15.80 16.78
N LEU A 186 -2.34 16.80 17.45
CA LEU A 186 -0.90 16.88 17.63
C LEU A 186 -0.58 17.07 19.10
N ASP A 187 0.41 16.34 19.60
CA ASP A 187 0.88 16.57 20.95
C ASP A 187 1.40 18.00 21.07
N ARG A 188 1.27 18.58 22.27
CA ARG A 188 1.70 19.96 22.47
C ARG A 188 3.20 20.13 22.27
N ASP A 189 3.98 19.09 22.56
CA ASP A 189 5.44 19.17 22.46
C ASP A 189 5.97 18.69 21.12
N THR A 190 5.11 18.64 20.10
CA THR A 190 5.54 18.18 18.78
C THR A 190 6.61 19.11 18.22
N VAL A 191 7.68 18.52 17.69
CA VAL A 191 8.72 19.28 17.01
C VAL A 191 8.98 18.71 15.62
N PHE A 192 8.40 17.55 15.32
CA PHE A 192 8.73 16.82 14.09
C PHE A 192 7.59 15.87 13.80
N ALA A 193 6.99 16.00 12.61
CA ALA A 193 5.90 15.14 12.19
C ALA A 193 6.16 14.65 10.77
N LEU A 194 5.69 13.44 10.49
CA LEU A 194 5.82 12.81 9.17
C LEU A 194 4.43 12.38 8.73
N VAL A 195 4.05 12.77 7.52
CA VAL A 195 2.80 12.31 6.91
C VAL A 195 3.12 11.62 5.59
N ASN A 196 2.47 10.49 5.37
CA ASN A 196 2.70 9.66 4.20
C ASN A 196 1.34 9.28 3.64
N TYR A 197 1.08 9.66 2.39
CA TYR A 197 -0.22 9.44 1.79
C TYR A 197 -0.05 8.80 0.42
N ILE A 198 -1.07 8.02 0.04
CA ILE A 198 -1.09 7.37 -1.26
C ILE A 198 -2.54 7.17 -1.67
N PHE A 199 -2.84 7.51 -2.91
CA PHE A 199 -4.16 7.30 -3.50
C PHE A 199 -3.99 6.58 -4.82
N PHE A 200 -4.81 5.55 -5.03
CA PHE A 200 -4.70 4.77 -6.25
C PHE A 200 -6.08 4.46 -6.82
N LYS A 201 -6.26 4.78 -8.09
CA LYS A 201 -7.43 4.37 -8.87
C LYS A 201 -6.89 3.83 -10.18
N GLY A 202 -6.75 2.51 -10.27
CA GLY A 202 -6.16 1.91 -11.45
C GLY A 202 -7.16 1.73 -12.57
N LYS A 203 -6.61 1.54 -13.77
CA LYS A 203 -7.39 1.27 -14.98
C LYS A 203 -7.06 -0.15 -15.44
N TRP A 204 -8.05 -1.02 -15.45
CA TRP A 204 -7.78 -2.39 -15.87
C TRP A 204 -7.38 -2.41 -17.34
N GLU A 205 -6.36 -3.22 -17.65
CA GLU A 205 -6.05 -3.46 -19.06
C GLU A 205 -7.22 -4.12 -19.77
N ARG A 206 -7.89 -5.06 -19.11
CA ARG A 206 -9.04 -5.78 -19.65
C ARG A 206 -10.22 -5.43 -18.74
N PRO A 207 -10.98 -4.40 -19.07
CA PRO A 207 -11.95 -3.87 -18.10
C PRO A 207 -13.27 -4.61 -18.05
N PHE A 208 -14.04 -4.29 -17.01
CA PHE A 208 -15.42 -4.71 -16.86
C PHE A 208 -16.32 -3.73 -17.59
N GLU A 209 -17.51 -4.18 -17.95
CA GLU A 209 -18.53 -3.30 -18.53
C GLU A 209 -19.45 -2.80 -17.42
N VAL A 210 -19.64 -1.48 -17.39
CA VAL A 210 -20.50 -0.90 -16.37
C VAL A 210 -21.90 -1.50 -16.41
N LYS A 211 -22.41 -1.78 -17.62
CA LYS A 211 -23.78 -2.28 -17.71
C LYS A 211 -23.98 -3.59 -16.96
N ASP A 212 -22.91 -4.34 -16.70
CA ASP A 212 -23.00 -5.64 -16.04
C ASP A 212 -22.87 -5.57 -14.52
N THR A 213 -22.61 -4.40 -13.96
CA THR A 213 -22.51 -4.29 -12.51
C THR A 213 -23.91 -4.29 -11.91
N GLU A 214 -24.12 -5.14 -10.91
CA GLU A 214 -25.42 -5.25 -10.26
C GLU A 214 -25.22 -5.55 -8.79
N GLU A 215 -26.25 -5.31 -8.00
CA GLU A 215 -26.17 -5.62 -6.57
C GLU A 215 -26.20 -7.13 -6.36
N GLU A 216 -25.24 -7.63 -5.59
CA GLU A 216 -25.17 -9.04 -5.26
C GLU A 216 -24.85 -9.21 -3.78
N ASP A 217 -25.09 -10.42 -3.28
CA ASP A 217 -24.79 -10.73 -1.89
C ASP A 217 -23.29 -10.84 -1.65
N PHE A 218 -22.85 -10.28 -0.52
CA PHE A 218 -21.49 -10.48 -0.03
C PHE A 218 -21.63 -11.15 1.33
N HIS A 219 -20.98 -12.30 1.50
CA HIS A 219 -21.12 -13.10 2.72
C HIS A 219 -20.11 -12.61 3.74
N VAL A 220 -20.56 -11.72 4.64
CA VAL A 220 -19.66 -11.19 5.68
C VAL A 220 -19.29 -12.28 6.67
N ASP A 221 -20.16 -13.27 6.87
CA ASP A 221 -19.84 -14.48 7.60
C ASP A 221 -20.68 -15.61 6.97
N GLN A 222 -20.53 -16.81 7.51
CA GLN A 222 -21.13 -17.98 6.87
CA GLN A 222 -21.13 -17.98 6.87
C GLN A 222 -22.65 -18.02 6.97
N VAL A 223 -23.28 -17.12 7.73
CA VAL A 223 -24.73 -17.10 7.84
C VAL A 223 -25.33 -15.73 7.53
N THR A 224 -24.54 -14.75 7.13
CA THR A 224 -25.00 -13.38 6.96
C THR A 224 -24.51 -12.79 5.65
N THR A 225 -25.39 -12.06 4.96
CA THR A 225 -25.04 -11.39 3.72
C THR A 225 -25.46 -9.92 3.78
N VAL A 226 -24.76 -9.10 2.99
CA VAL A 226 -25.13 -7.72 2.72
C VAL A 226 -25.07 -7.54 1.21
N LYS A 227 -25.86 -6.60 0.68
CA LYS A 227 -25.87 -6.32 -0.75
C LYS A 227 -24.77 -5.31 -1.11
N VAL A 228 -23.99 -5.63 -2.14
CA VAL A 228 -22.93 -4.73 -2.61
C VAL A 228 -22.94 -4.68 -4.12
N PRO A 229 -22.47 -3.56 -4.69
CA PRO A 229 -22.27 -3.50 -6.14
C PRO A 229 -21.17 -4.46 -6.57
N MET A 230 -21.49 -5.32 -7.54
CA MET A 230 -20.63 -6.41 -7.95
C MET A 230 -20.43 -6.34 -9.45
N MET A 231 -19.18 -6.13 -9.86
CA MET A 231 -18.83 -6.19 -11.28
C MET A 231 -18.75 -7.63 -11.71
N LYS A 232 -19.00 -7.88 -12.99
CA LYS A 232 -18.80 -9.24 -13.48
C LYS A 232 -18.38 -9.23 -14.94
N ARG A 233 -17.65 -10.26 -15.33
CA ARG A 233 -17.24 -10.41 -16.72
CA ARG A 233 -17.22 -10.41 -16.71
C ARG A 233 -16.87 -11.85 -16.98
N LEU A 234 -17.21 -12.32 -18.17
CA LEU A 234 -16.79 -13.61 -18.69
C LEU A 234 -15.56 -13.35 -19.54
N GLY A 235 -14.46 -14.00 -19.22
CA GLY A 235 -13.24 -13.70 -19.94
C GLY A 235 -12.20 -14.78 -19.74
N MET A 236 -11.04 -14.55 -20.34
CA MET A 236 -9.89 -15.41 -20.20
C MET A 236 -8.96 -14.77 -19.17
N PHE A 237 -8.86 -15.41 -18.00
CA PHE A 237 -8.20 -14.80 -16.87
C PHE A 237 -6.96 -15.60 -16.48
N ASN A 238 -6.02 -14.88 -15.87
CA ASN A 238 -4.90 -15.49 -15.16
C ASN A 238 -5.46 -15.87 -13.79
N ILE A 239 -6.03 -17.05 -13.70
CA ILE A 239 -6.72 -17.50 -12.51
C ILE A 239 -6.42 -18.98 -12.30
N GLN A 240 -6.27 -19.37 -11.04
CA GLN A 240 -6.00 -20.76 -10.72
C GLN A 240 -6.46 -21.00 -9.29
N HIS A 241 -6.69 -22.27 -8.96
CA HIS A 241 -6.91 -22.66 -7.58
C HIS A 241 -5.61 -23.22 -7.01
N SER A 242 -5.25 -22.77 -5.83
CA SER A 242 -3.99 -23.16 -5.18
C SER A 242 -4.29 -24.10 -4.03
N LYS A 243 -3.83 -25.34 -4.11
CA LYS A 243 -3.95 -26.25 -2.98
C LYS A 243 -3.15 -25.75 -1.79
N LYS A 244 -1.97 -25.17 -2.04
CA LYS A 244 -1.12 -24.70 -0.95
C LYS A 244 -1.81 -23.62 -0.13
N LEU A 245 -2.43 -22.64 -0.81
CA LEU A 245 -3.10 -21.55 -0.13
C LEU A 245 -4.58 -21.84 0.15
N SER A 246 -5.10 -22.94 -0.36
CA SER A 246 -6.53 -23.25 -0.22
C SER A 246 -7.37 -22.08 -0.69
N SER A 247 -6.99 -21.51 -1.83
CA SER A 247 -7.61 -20.27 -2.30
C SER A 247 -7.60 -20.23 -3.82
N TRP A 248 -8.59 -19.55 -4.38
CA TRP A 248 -8.50 -19.10 -5.76
C TRP A 248 -7.55 -17.90 -5.81
N VAL A 249 -6.75 -17.83 -6.88
CA VAL A 249 -5.77 -16.76 -7.04
C VAL A 249 -5.97 -16.14 -8.41
N LEU A 250 -6.33 -14.87 -8.43
CA LEU A 250 -6.62 -14.12 -9.64
C LEU A 250 -5.59 -13.00 -9.81
N LEU A 251 -5.00 -12.91 -11.00
CA LEU A 251 -4.11 -11.81 -11.34
C LEU A 251 -4.71 -11.01 -12.48
N MET A 252 -4.83 -9.69 -12.30
CA MET A 252 -5.33 -8.80 -13.33
C MET A 252 -4.39 -7.61 -13.45
N LYS A 253 -3.98 -7.32 -14.69
CA LYS A 253 -3.04 -6.25 -14.93
C LYS A 253 -3.76 -4.91 -15.06
N TYR A 254 -3.09 -3.86 -14.59
CA TYR A 254 -3.52 -2.49 -14.79
C TYR A 254 -2.74 -1.89 -15.96
N LEU A 255 -3.35 -0.91 -16.63
CA LEU A 255 -2.60 -0.06 -17.55
C LEU A 255 -1.51 0.64 -16.75
N GLY A 256 -0.31 0.69 -17.32
CA GLY A 256 0.83 1.12 -16.56
C GLY A 256 1.59 -0.08 -16.03
N ASN A 257 2.33 0.10 -14.95
CA ASN A 257 3.24 -0.96 -14.55
C ASN A 257 2.82 -1.65 -13.27
N ALA A 258 1.61 -2.23 -13.23
CA ALA A 258 1.21 -2.89 -12.00
C ALA A 258 0.19 -4.00 -12.27
N THR A 259 0.16 -4.96 -11.35
CA THR A 259 -0.76 -6.09 -11.36
C THR A 259 -1.39 -6.25 -9.99
N ALA A 260 -2.70 -6.48 -9.99
CA ALA A 260 -3.44 -6.83 -8.78
C ALA A 260 -3.53 -8.33 -8.66
N ILE A 261 -3.30 -8.84 -7.45
CA ILE A 261 -3.47 -10.24 -7.12
C ILE A 261 -4.54 -10.35 -6.04
N PHE A 262 -5.56 -11.15 -6.30
CA PHE A 262 -6.67 -11.34 -5.38
C PHE A 262 -6.70 -12.78 -4.93
N PHE A 263 -6.83 -12.99 -3.62
CA PHE A 263 -6.82 -14.32 -3.04
C PHE A 263 -8.16 -14.56 -2.36
N LEU A 264 -8.90 -15.55 -2.85
CA LEU A 264 -10.21 -15.90 -2.31
C LEU A 264 -10.11 -17.21 -1.57
N PRO A 265 -10.11 -17.19 -0.24
CA PRO A 265 -9.92 -18.44 0.50
C PRO A 265 -11.13 -19.36 0.43
N ASP A 266 -10.84 -20.67 0.42
CA ASP A 266 -11.88 -21.67 0.54
C ASP A 266 -12.60 -21.50 1.88
N GLU A 267 -13.78 -22.10 1.99
CA GLU A 267 -14.58 -21.98 3.21
C GLU A 267 -13.72 -22.28 4.44
N GLY A 268 -13.70 -21.34 5.38
CA GLY A 268 -12.98 -21.51 6.62
C GLY A 268 -11.47 -21.47 6.52
N LYS A 269 -10.92 -20.94 5.42
CA LYS A 269 -9.49 -20.98 5.18
C LYS A 269 -8.82 -19.60 5.12
N LEU A 270 -9.52 -18.54 5.52
CA LEU A 270 -8.91 -17.21 5.47
C LEU A 270 -7.63 -17.17 6.29
N GLN A 271 -7.68 -17.68 7.52
CA GLN A 271 -6.49 -17.66 8.37
C GLN A 271 -5.36 -18.49 7.77
N HIS A 272 -5.69 -19.66 7.20
CA HIS A 272 -4.67 -20.46 6.54
C HIS A 272 -4.00 -19.69 5.41
N LEU A 273 -4.81 -19.03 4.57
CA LEU A 273 -4.27 -18.22 3.49
C LEU A 273 -3.31 -17.16 4.01
N GLU A 274 -3.74 -16.41 5.03
CA GLU A 274 -2.88 -15.35 5.57
C GLU A 274 -1.58 -15.94 6.13
N ASN A 275 -1.65 -17.12 6.72
CA ASN A 275 -0.46 -17.72 7.33
C ASN A 275 0.49 -18.27 6.27
N GLU A 276 0.00 -18.65 5.10
CA GLU A 276 0.84 -19.35 4.13
C GLU A 276 1.47 -18.44 3.09
N LEU A 277 1.02 -17.20 2.97
CA LEU A 277 1.57 -16.32 1.94
C LEU A 277 3.06 -16.12 2.15
N THR A 278 3.83 -16.32 1.08
CA THR A 278 5.27 -16.05 1.10
C THR A 278 5.64 -15.36 -0.21
N HIS A 279 6.81 -14.74 -0.22
CA HIS A 279 7.28 -14.08 -1.44
C HIS A 279 7.47 -15.07 -2.58
N ASP A 280 8.03 -16.25 -2.29
CA ASP A 280 8.28 -17.21 -3.35
C ASP A 280 6.98 -17.70 -3.98
N ILE A 281 5.93 -17.86 -3.18
CA ILE A 281 4.64 -18.26 -3.73
C ILE A 281 4.10 -17.18 -4.67
N ILE A 282 4.21 -15.92 -4.27
CA ILE A 282 3.75 -14.82 -5.12
C ILE A 282 4.55 -14.80 -6.42
N THR A 283 5.86 -15.02 -6.33
CA THR A 283 6.70 -14.98 -7.52
C THR A 283 6.24 -16.02 -8.54
N LYS A 284 5.91 -17.23 -8.07
CA LYS A 284 5.46 -18.27 -8.97
C LYS A 284 4.16 -17.86 -9.67
N PHE A 285 3.24 -17.22 -8.94
CA PHE A 285 2.00 -16.78 -9.57
C PHE A 285 2.28 -15.75 -10.66
N LEU A 286 3.20 -14.83 -10.39
CA LEU A 286 3.49 -13.76 -11.34
C LEU A 286 4.17 -14.28 -12.60
N GLU A 287 4.70 -15.51 -12.58
CA GLU A 287 5.35 -16.10 -13.74
C GLU A 287 4.42 -16.99 -14.56
N ASN A 288 3.13 -17.06 -14.22
CA ASN A 288 2.26 -18.06 -14.81
C ASN A 288 1.84 -17.74 -16.24
N GLU A 289 1.26 -16.57 -16.45
CA GLU A 289 0.84 -16.14 -17.78
C GLU A 289 -0.37 -16.88 -18.33
N ASP A 290 -0.47 -18.20 -18.10
CA ASP A 290 -1.57 -18.98 -18.67
C ASP A 290 -2.92 -18.38 -18.32
N ARG A 291 -3.88 -18.53 -19.25
CA ARG A 291 -5.22 -17.98 -19.07
C ARG A 291 -6.27 -19.06 -19.30
N ARG A 292 -7.33 -19.03 -18.50
CA ARG A 292 -8.45 -19.93 -18.65
CA ARG A 292 -8.46 -19.93 -18.64
C ARG A 292 -9.74 -19.14 -18.53
N SER A 293 -10.81 -19.72 -19.05
CA SER A 293 -12.10 -19.03 -18.99
CA SER A 293 -12.13 -19.08 -18.99
C SER A 293 -12.66 -19.08 -17.56
N ALA A 294 -13.31 -17.99 -17.18
CA ALA A 294 -13.99 -17.94 -15.90
C ALA A 294 -15.02 -16.83 -15.93
N SER A 295 -16.09 -17.03 -15.16
CA SER A 295 -17.10 -16.01 -14.95
CA SER A 295 -17.12 -16.01 -14.94
C SER A 295 -16.77 -15.35 -13.61
N LEU A 296 -16.17 -14.18 -13.68
CA LEU A 296 -15.63 -13.50 -12.51
C LEU A 296 -16.61 -12.48 -11.97
N HIS A 297 -16.80 -12.50 -10.65
CA HIS A 297 -17.61 -11.50 -9.95
C HIS A 297 -16.69 -10.86 -8.92
N LEU A 298 -16.53 -9.54 -9.00
CA LEU A 298 -15.59 -8.81 -8.14
C LEU A 298 -16.26 -7.53 -7.67
N PRO A 299 -16.25 -7.24 -6.37
CA PRO A 299 -16.94 -6.03 -5.90
C PRO A 299 -16.25 -4.75 -6.33
N LYS A 300 -17.05 -3.73 -6.62
CA LYS A 300 -16.49 -2.38 -6.61
C LYS A 300 -16.00 -2.09 -5.21
N LEU A 301 -14.93 -1.32 -5.10
CA LEU A 301 -14.38 -1.04 -3.79
C LEU A 301 -13.99 0.41 -3.70
N SER A 302 -14.28 1.03 -2.57
CA SER A 302 -13.76 2.33 -2.19
CA SER A 302 -13.76 2.33 -2.19
C SER A 302 -13.35 2.15 -0.74
N ILE A 303 -12.05 1.95 -0.49
CA ILE A 303 -11.60 1.68 0.86
C ILE A 303 -10.43 2.60 1.19
N THR A 304 -10.32 2.92 2.47
CA THR A 304 -9.19 3.69 2.97
C THR A 304 -8.62 2.97 4.18
N GLY A 305 -7.33 3.19 4.41
CA GLY A 305 -6.69 2.78 5.63
C GLY A 305 -5.90 3.94 6.21
N THR A 306 -6.07 4.19 7.51
CA THR A 306 -5.36 5.25 8.21
C THR A 306 -4.67 4.63 9.41
N TYR A 307 -3.36 4.79 9.49
CA TYR A 307 -2.57 4.12 10.52
C TYR A 307 -1.63 5.08 11.23
N ASP A 308 -1.58 4.95 12.55
CA ASP A 308 -0.60 5.62 13.39
C ASP A 308 0.68 4.79 13.35
N LEU A 309 1.68 5.28 12.62
CA LEU A 309 2.89 4.50 12.40
C LEU A 309 3.74 4.38 13.66
N LYS A 310 3.64 5.32 14.59
CA LYS A 310 4.36 5.15 15.85
C LYS A 310 3.91 3.88 16.56
N SER A 311 2.60 3.67 16.62
CA SER A 311 2.07 2.47 17.27
C SER A 311 2.38 1.23 16.45
N VAL A 312 2.08 1.27 15.15
CA VAL A 312 2.19 0.08 14.32
C VAL A 312 3.65 -0.33 14.16
N LEU A 313 4.50 0.60 13.76
CA LEU A 313 5.91 0.26 13.58
C LEU A 313 6.61 -0.01 14.90
N GLY A 314 6.09 0.54 16.00
CA GLY A 314 6.64 0.20 17.31
C GLY A 314 6.53 -1.29 17.59
N GLN A 315 5.42 -1.90 17.18
CA GLN A 315 5.25 -3.34 17.34
C GLN A 315 6.18 -4.13 16.42
N LEU A 316 6.69 -3.52 15.36
CA LEU A 316 7.69 -4.16 14.52
C LEU A 316 9.11 -3.87 14.97
N GLY A 317 9.29 -3.16 16.08
CA GLY A 317 10.60 -2.94 16.65
C GLY A 317 11.21 -1.57 16.39
N ILE A 318 10.48 -0.67 15.74
CA ILE A 318 10.96 0.69 15.49
C ILE A 318 10.41 1.58 16.60
N THR A 319 11.25 1.87 17.59
CA THR A 319 10.82 2.65 18.76
C THR A 319 11.71 3.84 19.08
N LYS A 320 13.03 3.72 18.90
CA LYS A 320 13.93 4.76 19.40
C LYS A 320 13.69 6.10 18.68
N VAL A 321 13.40 6.07 17.39
CA VAL A 321 13.23 7.31 16.64
C VAL A 321 12.03 8.11 17.12
N PHE A 322 11.06 7.43 17.74
CA PHE A 322 9.89 8.06 18.32
C PHE A 322 10.07 8.43 19.79
N SER A 323 11.25 8.16 20.37
CA SER A 323 11.50 8.31 21.79
C SER A 323 12.47 9.45 22.04
N ASN A 324 12.54 9.87 23.31
CA ASN A 324 13.45 10.96 23.68
C ASN A 324 14.91 10.59 23.44
N GLY A 325 15.24 9.32 23.43
CA GLY A 325 16.61 8.94 23.14
C GLY A 325 17.02 9.03 21.69
N ALA A 326 16.11 9.44 20.81
CA ALA A 326 16.34 9.33 19.37
C ALA A 326 17.63 10.02 18.95
N ASP A 327 18.44 9.33 18.15
CA ASP A 327 19.62 9.93 17.56
C ASP A 327 19.25 10.38 16.16
N LEU A 328 18.77 11.62 16.06
CA LEU A 328 18.44 12.28 14.80
C LEU A 328 19.47 13.37 14.49
N SER A 329 20.74 13.13 14.84
CA SER A 329 21.77 14.13 14.66
C SER A 329 22.09 14.39 13.19
N GLY A 330 21.64 13.52 12.28
CA GLY A 330 21.72 13.84 10.88
C GLY A 330 20.70 14.85 10.40
N VAL A 331 19.69 15.12 11.22
CA VAL A 331 18.68 16.13 10.91
C VAL A 331 19.02 17.46 11.56
N THR A 332 19.38 17.43 12.83
CA THR A 332 19.75 18.63 13.59
C THR A 332 20.84 18.22 14.57
N GLU A 333 21.96 18.96 14.56
CA GLU A 333 23.14 18.50 15.27
C GLU A 333 23.13 18.89 16.74
N GLU A 334 22.61 20.07 17.07
CA GLU A 334 22.75 20.59 18.43
C GLU A 334 21.54 20.31 19.31
N ALA A 335 20.33 20.38 18.77
CA ALA A 335 19.14 20.29 19.61
C ALA A 335 18.61 18.87 19.68
N PRO A 336 17.97 18.50 20.79
CA PRO A 336 17.29 17.20 20.83
C PRO A 336 16.15 17.16 19.83
N LEU A 337 15.84 15.97 19.36
CA LEU A 337 14.78 15.79 18.38
C LEU A 337 14.28 14.37 18.45
N LYS A 338 12.98 14.20 18.29
CA LYS A 338 12.36 12.89 18.12
C LYS A 338 11.21 13.07 17.14
N LEU A 339 10.77 11.95 16.56
CA LEU A 339 9.61 11.97 15.67
C LEU A 339 8.36 11.81 16.52
N SER A 340 7.59 12.89 16.64
CA SER A 340 6.44 12.92 17.54
C SER A 340 5.18 12.35 16.92
N LYS A 341 5.05 12.42 15.59
CA LYS A 341 3.81 12.07 14.90
C LYS A 341 4.18 11.46 13.56
N ALA A 342 3.58 10.34 13.23
CA ALA A 342 3.83 9.71 11.93
C ALA A 342 2.54 9.00 11.51
N VAL A 343 1.99 9.40 10.37
CA VAL A 343 0.69 8.91 9.92
C VAL A 343 0.80 8.45 8.48
N HIS A 344 0.12 7.33 8.18
CA HIS A 344 0.00 6.81 6.83
C HIS A 344 -1.49 6.72 6.50
N LYS A 345 -1.87 7.24 5.34
CA LYS A 345 -3.23 7.08 4.84
C LYS A 345 -3.15 6.60 3.40
N ALA A 346 -3.85 5.52 3.10
CA ALA A 346 -3.90 4.92 1.77
C ALA A 346 -5.35 4.82 1.33
N VAL A 347 -5.62 5.20 0.09
CA VAL A 347 -6.98 5.23 -0.46
C VAL A 347 -6.97 4.44 -1.75
N LEU A 348 -7.94 3.53 -1.88
CA LEU A 348 -8.06 2.68 -3.05
C LEU A 348 -9.44 2.81 -3.65
N THR A 349 -9.51 2.87 -4.98
CA THR A 349 -10.75 2.69 -5.72
C THR A 349 -10.57 1.53 -6.69
N ILE A 350 -11.51 0.59 -6.66
CA ILE A 350 -11.63 -0.45 -7.67
C ILE A 350 -12.97 -0.26 -8.36
N ASP A 351 -12.94 -0.07 -9.67
CA ASP A 351 -14.17 0.02 -10.45
C ASP A 351 -13.94 -0.64 -11.81
N GLU A 352 -14.88 -0.39 -12.72
CA GLU A 352 -14.93 -1.21 -13.93
C GLU A 352 -13.81 -0.87 -14.90
N LYS A 353 -13.47 0.41 -15.01
CA LYS A 353 -12.54 0.91 -16.01
C LYS A 353 -11.51 1.87 -15.46
N GLY A 354 -11.79 2.58 -14.38
CA GLY A 354 -10.89 3.55 -13.84
C GLY A 354 -10.74 4.81 -14.64
N THR A 355 -11.55 4.98 -15.68
CA THR A 355 -11.46 6.14 -16.57
C THR A 355 -12.74 6.21 -17.38
N GLU A 356 -13.10 7.42 -17.76
CA GLU A 356 -14.18 7.63 -18.73
C GLU A 356 -13.68 7.50 -20.17
N ALA A 357 -12.37 7.43 -20.37
CA ALA A 357 -11.82 7.33 -21.71
C ALA A 357 -12.16 5.99 -22.36
N ALA A 358 -12.26 6.01 -23.68
CA ALA A 358 -12.54 4.78 -24.42
C ALA A 358 -11.33 3.86 -24.35
N GLY A 359 -11.60 2.57 -24.17
CA GLY A 359 -10.54 1.60 -24.07
C GLY A 359 -10.20 0.97 -25.41
N ALA A 360 -8.96 0.48 -25.51
CA ALA A 360 -8.53 -0.21 -26.72
C ALA A 360 -9.38 -1.46 -26.92
N MET A 361 -9.87 -1.65 -28.15
CA MET A 361 -10.70 -2.81 -28.45
C MET A 361 -9.85 -4.06 -28.55
N PHE A 362 -10.37 -5.16 -28.01
CA PHE A 362 -9.69 -6.44 -28.06
C PHE A 362 -10.75 -7.54 -27.98
N LEU A 363 -10.35 -8.75 -28.33
CA LEU A 363 -11.24 -9.90 -28.29
C LEU A 363 -10.52 -11.07 -27.63
N GLU A 364 -11.12 -11.64 -26.60
CA GLU A 364 -10.63 -12.88 -26.00
C GLU A 364 -11.45 -14.05 -26.54
N ALA A 365 -10.77 -15.14 -26.88
CA ALA A 365 -11.41 -16.32 -27.44
C ALA A 365 -11.88 -17.21 -26.29
N ILE A 366 -13.19 -17.34 -26.12
CA ILE A 366 -13.78 -18.06 -25.00
C ILE A 366 -14.18 -19.45 -25.48
N PRO A 367 -13.68 -20.52 -24.86
CA PRO A 367 -14.05 -21.85 -25.32
C PRO A 367 -15.49 -22.20 -24.99
N MET A 368 -16.02 -23.15 -25.75
N MET A 368 -16.05 -23.12 -25.77
CA MET A 368 -17.36 -23.70 -25.51
CA MET A 368 -17.39 -23.65 -25.48
C MET A 368 -17.24 -24.79 -24.45
C MET A 368 -17.24 -24.77 -24.45
N SER A 369 -17.15 -24.35 -23.20
CA SER A 369 -17.07 -25.26 -22.06
C SER A 369 -17.53 -24.43 -20.87
N ILE A 370 -18.00 -25.10 -19.83
CA ILE A 370 -18.55 -24.39 -18.67
C ILE A 370 -17.42 -23.67 -17.95
N PRO A 371 -17.42 -22.34 -17.87
CA PRO A 371 -16.39 -21.65 -17.09
C PRO A 371 -16.71 -21.75 -15.60
N PRO A 372 -15.69 -21.87 -14.76
CA PRO A 372 -15.94 -21.77 -13.31
C PRO A 372 -16.47 -20.38 -12.98
N GLU A 373 -17.36 -20.35 -11.99
CA GLU A 373 -17.91 -19.11 -11.47
C GLU A 373 -17.09 -18.79 -10.23
N VAL A 374 -16.28 -17.74 -10.30
CA VAL A 374 -15.39 -17.34 -9.22
C VAL A 374 -15.93 -16.02 -8.70
N LYS A 375 -16.49 -16.04 -7.50
CA LYS A 375 -17.17 -14.89 -6.92
C LYS A 375 -16.40 -14.41 -5.71
N PHE A 376 -15.85 -13.21 -5.78
CA PHE A 376 -15.21 -12.58 -4.62
C PHE A 376 -16.29 -11.96 -3.76
N ASN A 377 -17.09 -12.85 -3.16
CA ASN A 377 -18.28 -12.45 -2.40
C ASN A 377 -18.20 -12.91 -0.96
N LYS A 378 -16.99 -13.02 -0.43
CA LYS A 378 -16.71 -13.29 0.97
C LYS A 378 -15.35 -12.69 1.24
N PRO A 379 -14.94 -12.60 2.50
CA PRO A 379 -13.67 -11.91 2.79
C PRO A 379 -12.50 -12.45 1.96
N PHE A 380 -11.66 -11.53 1.47
CA PHE A 380 -10.56 -11.88 0.59
C PHE A 380 -9.39 -10.94 0.82
N VAL A 381 -8.21 -11.39 0.38
CA VAL A 381 -6.96 -10.65 0.53
C VAL A 381 -6.50 -10.21 -0.84
N PHE A 382 -5.74 -9.12 -0.88
CA PHE A 382 -5.21 -8.69 -2.16
C PHE A 382 -3.87 -8.00 -1.98
N LEU A 383 -3.12 -8.01 -3.08
CA LEU A 383 -1.79 -7.43 -3.14
CA LEU A 383 -1.79 -7.43 -3.14
C LEU A 383 -1.65 -6.81 -4.52
N MET A 384 -1.09 -5.60 -4.58
CA MET A 384 -0.77 -4.98 -5.86
C MET A 384 0.75 -4.94 -5.99
N ILE A 385 1.26 -5.36 -7.15
CA ILE A 385 2.69 -5.52 -7.40
C ILE A 385 3.08 -4.61 -8.55
N GLU A 386 4.19 -3.90 -8.41
CA GLU A 386 4.75 -3.14 -9.51
C GLU A 386 5.49 -4.12 -10.42
N GLN A 387 5.27 -4.01 -11.74
CA GLN A 387 5.67 -5.09 -12.63
C GLN A 387 7.19 -5.16 -12.80
N ASN A 388 7.86 -4.02 -12.89
CA ASN A 388 9.30 -4.02 -13.13
C ASN A 388 10.05 -4.60 -11.94
N THR A 389 9.82 -4.06 -10.75
CA THR A 389 10.57 -4.46 -9.56
C THR A 389 9.90 -5.59 -8.79
N LYS A 390 8.63 -5.89 -9.07
CA LYS A 390 7.85 -6.88 -8.33
C LYS A 390 7.61 -6.46 -6.88
N SER A 391 7.73 -5.17 -6.59
CA SER A 391 7.59 -4.73 -5.22
CA SER A 391 7.58 -4.73 -5.21
C SER A 391 6.11 -4.61 -4.84
N PRO A 392 5.79 -4.76 -3.54
CA PRO A 392 4.39 -4.71 -3.11
C PRO A 392 3.89 -3.29 -2.86
N LEU A 393 3.25 -2.71 -3.87
CA LEU A 393 2.77 -1.34 -3.76
C LEU A 393 1.66 -1.23 -2.71
N PHE A 394 0.75 -2.21 -2.68
CA PHE A 394 -0.33 -2.18 -1.71
C PHE A 394 -0.64 -3.60 -1.24
N MET A 395 -1.22 -3.68 -0.05
CA MET A 395 -1.75 -4.93 0.46
C MET A 395 -3.01 -4.62 1.25
N GLY A 396 -3.95 -5.55 1.23
CA GLY A 396 -5.16 -5.30 1.99
C GLY A 396 -6.02 -6.53 2.14
N LYS A 397 -7.09 -6.35 2.91
CA LYS A 397 -8.11 -7.36 3.12
C LYS A 397 -9.47 -6.67 3.10
N VAL A 398 -10.41 -7.26 2.38
CA VAL A 398 -11.79 -6.80 2.36
C VAL A 398 -12.62 -7.77 3.18
N VAL A 399 -13.17 -7.28 4.30
CA VAL A 399 -14.11 -8.06 5.08
C VAL A 399 -15.56 -7.70 4.76
N ASN A 400 -15.81 -6.50 4.23
CA ASN A 400 -17.15 -6.05 3.88
C ASN A 400 -16.97 -4.83 2.97
N PRO A 401 -17.30 -4.93 1.69
CA PRO A 401 -17.05 -3.79 0.78
C PRO A 401 -17.78 -2.52 1.19
N THR A 402 -18.93 -2.63 1.82
CA THR A 402 -19.73 -1.48 2.18
C THR A 402 -19.48 -0.98 3.60
N GLN A 403 -18.41 -1.45 4.25
CA GLN A 403 -18.10 -1.02 5.61
C GLN A 403 -17.91 0.49 5.72
N LYS A 404 -17.10 1.05 4.82
CA LYS A 404 -16.74 2.47 4.90
#